data_2W7W
#
_entry.id   2W7W
#
_cell.length_a   70.720
_cell.length_b   70.720
_cell.length_c   170.250
_cell.angle_alpha   90.00
_cell.angle_beta   90.00
_cell.angle_gamma   120.00
#
_symmetry.space_group_name_H-M   'P 32 2 1'
#
loop_
_entity.id
_entity.type
_entity.pdbx_description
1 polymer 'SUPEROXIDE DISMUTASE [FE]'
2 non-polymer 'FE (III) ION'
3 water water
#
_entity_poly.entity_id   1
_entity_poly.type   'polypeptide(L)'
_entity_poly.pdbx_seq_one_letter_code
;MSFELPALPFAKDALEPHISAETLDYHHGKHHNTYVVKLNGLIPGTEFEGKTLEEIIKTSTGGVFNNAAQIWNHTFYWNC
LAPNAGGQPTGAVAAAIDAAFGSFEEFKAKFTDSAINNFGSSWTWLVKNADGSLAIVNTSNAATPLTDEGVTPLLTVDLW
EHAYYIDFRNVRPDYMGAFWSLVNWSFVEENLAK
;
_entity_poly.pdbx_strand_id   A,B
#
# COMPACT_ATOMS: atom_id res chain seq x y z
N SER A 2 -16.92 -10.69 18.79
CA SER A 2 -17.47 -11.99 18.30
C SER A 2 -16.60 -12.72 17.26
N PHE A 3 -15.91 -11.98 16.38
CA PHE A 3 -14.76 -12.58 15.68
C PHE A 3 -13.48 -12.45 16.50
N GLU A 4 -12.66 -13.49 16.45
CA GLU A 4 -11.41 -13.47 17.21
C GLU A 4 -10.20 -13.27 16.29
N LEU A 5 -9.13 -12.68 16.84
CA LEU A 5 -7.81 -12.77 16.22
C LEU A 5 -7.25 -14.14 16.55
N PRO A 6 -7.19 -15.05 15.56
CA PRO A 6 -6.66 -16.38 15.85
C PRO A 6 -5.18 -16.30 16.14
N ALA A 7 -4.70 -17.12 17.08
CA ALA A 7 -3.28 -17.23 17.37
C ALA A 7 -2.54 -17.70 16.13
N LEU A 8 -1.26 -17.34 16.00
CA LEU A 8 -0.44 -17.79 14.86
C LEU A 8 -0.24 -19.30 14.93
N PRO A 9 0.01 -19.97 13.78
CA PRO A 9 0.26 -21.41 13.91
C PRO A 9 1.74 -21.77 14.22
N PHE A 10 2.52 -20.80 14.70
CA PHE A 10 3.92 -21.04 15.08
C PHE A 10 4.28 -20.02 16.12
N ALA A 11 5.32 -20.27 16.90
CA ALA A 11 5.87 -19.33 17.86
C ALA A 11 6.36 -18.02 17.20
N LYS A 12 6.40 -16.94 17.97
CA LYS A 12 6.84 -15.64 17.45
C LYS A 12 8.28 -15.58 16.90
N ASP A 13 9.16 -16.48 17.33
CA ASP A 13 10.50 -16.49 16.76
C ASP A 13 10.72 -17.66 15.80
N ALA A 14 9.63 -18.29 15.39
CA ALA A 14 9.74 -19.54 14.64
C ALA A 14 10.15 -19.33 13.20
N LEU A 15 9.96 -18.11 12.69
CA LEU A 15 10.27 -17.86 11.28
C LEU A 15 11.65 -17.22 11.07
N GLU A 16 12.37 -17.01 12.17
CA GLU A 16 13.70 -16.46 12.12
C GLU A 16 14.65 -17.45 11.44
N PRO A 17 15.71 -16.95 10.77
CA PRO A 17 16.03 -15.51 10.64
C PRO A 17 15.39 -14.86 9.41
N HIS A 18 14.31 -15.45 8.89
CA HIS A 18 13.65 -14.99 7.66
C HIS A 18 12.65 -13.84 7.85
N ILE A 19 11.74 -14.01 8.79
CA ILE A 19 10.82 -12.95 9.19
C ILE A 19 10.99 -12.80 10.71
N SER A 20 11.21 -11.59 11.18
CA SER A 20 11.52 -11.37 12.58
C SER A 20 10.32 -11.47 13.50
N ALA A 21 10.60 -11.73 14.79
CA ALA A 21 9.60 -11.69 15.85
C ALA A 21 8.93 -10.32 15.85
N GLU A 22 9.73 -9.28 15.62
CA GLU A 22 9.18 -7.92 15.57
C GLU A 22 8.13 -7.70 14.47
N THR A 23 8.37 -8.25 13.30
CA THR A 23 7.40 -8.17 12.21
C THR A 23 6.07 -8.83 12.60
N LEU A 24 6.17 -10.01 13.22
CA LEU A 24 4.99 -10.73 13.73
C LEU A 24 4.25 -9.95 14.78
N ASP A 25 4.98 -9.24 15.63
CA ASP A 25 4.37 -8.47 16.68
C ASP A 25 3.49 -7.40 16.08
N TYR A 26 3.99 -6.74 15.03
CA TYR A 26 3.24 -5.68 14.36
C TYR A 26 2.21 -6.22 13.41
N HIS A 27 2.61 -7.15 12.58
CA HIS A 27 1.77 -7.59 11.50
C HIS A 27 0.58 -8.40 12.00
N HIS A 28 0.82 -9.37 12.89
CA HIS A 28 -0.29 -10.10 13.53
C HIS A 28 -0.91 -9.30 14.70
N GLY A 29 -0.08 -8.88 15.65
CA GLY A 29 -0.60 -8.19 16.84
C GLY A 29 -1.26 -6.82 16.67
N LYS A 30 -0.86 -6.07 15.65
CA LYS A 30 -1.44 -4.77 15.40
C LYS A 30 -2.29 -4.75 14.15
N HIS A 31 -1.73 -4.98 12.95
CA HIS A 31 -2.52 -4.87 11.71
C HIS A 31 -3.68 -5.85 11.64
N HIS A 32 -3.39 -7.13 11.81
CA HIS A 32 -4.40 -8.17 11.70
C HIS A 32 -5.46 -7.95 12.79
N ASN A 33 -5.00 -7.62 13.99
CA ASN A 33 -5.91 -7.33 15.09
C ASN A 33 -6.85 -6.15 14.81
N THR A 34 -6.34 -5.02 14.28
CA THR A 34 -7.17 -3.86 13.90
C THR A 34 -8.33 -4.24 12.98
N TYR A 35 -8.09 -5.09 11.99
CA TYR A 35 -9.21 -5.48 11.11
C TYR A 35 -10.33 -6.24 11.84
N VAL A 36 -9.97 -7.08 12.82
CA VAL A 36 -10.94 -7.84 13.64
C VAL A 36 -11.74 -6.84 14.48
N VAL A 37 -11.05 -5.89 15.08
CA VAL A 37 -11.72 -4.91 15.94
C VAL A 37 -12.60 -3.98 15.12
N LYS A 38 -12.11 -3.56 13.95
CA LYS A 38 -12.91 -2.72 13.07
C LYS A 38 -14.16 -3.45 12.58
N LEU A 39 -14.03 -4.70 12.14
CA LEU A 39 -15.18 -5.49 11.71
C LEU A 39 -16.22 -5.71 12.82
N ASN A 40 -15.78 -6.17 13.99
CA ASN A 40 -16.65 -6.37 15.15
C ASN A 40 -17.49 -5.12 15.48
N GLY A 41 -16.91 -3.95 15.25
CA GLY A 41 -17.61 -2.67 15.43
C GLY A 41 -18.50 -2.18 14.28
N LEU A 42 -18.37 -2.79 13.10
CA LEU A 42 -19.18 -2.40 11.95
C LEU A 42 -20.46 -3.20 11.84
N ILE A 43 -20.45 -4.44 12.29
CA ILE A 43 -21.55 -5.36 12.01
C ILE A 43 -22.78 -5.32 12.93
N PRO A 44 -22.66 -4.85 14.18
CA PRO A 44 -23.88 -4.80 15.02
C PRO A 44 -25.00 -3.93 14.44
N GLY A 45 -26.19 -4.53 14.33
CA GLY A 45 -27.37 -3.84 13.77
C GLY A 45 -27.35 -3.73 12.26
N THR A 46 -26.64 -4.64 11.61
CA THR A 46 -26.59 -4.72 10.16
C THR A 46 -26.99 -6.12 9.79
N GLU A 47 -27.19 -6.32 8.50
CA GLU A 47 -27.49 -7.64 7.93
C GLU A 47 -26.38 -8.67 8.12
N PHE A 48 -25.19 -8.24 8.57
CA PHE A 48 -24.03 -9.12 8.72
C PHE A 48 -23.87 -9.68 10.14
N GLU A 49 -24.71 -9.20 11.06
CA GLU A 49 -24.83 -9.78 12.40
C GLU A 49 -25.23 -11.25 12.27
N GLY A 50 -24.46 -12.13 12.86
CA GLY A 50 -24.75 -13.56 12.82
C GLY A 50 -24.36 -14.27 11.55
N LYS A 51 -23.62 -13.59 10.67
CA LYS A 51 -23.04 -14.26 9.51
C LYS A 51 -21.64 -14.73 9.84
N THR A 52 -21.18 -15.76 9.13
CA THR A 52 -19.79 -16.19 9.21
C THR A 52 -18.87 -15.18 8.51
N LEU A 53 -17.57 -15.29 8.76
CA LEU A 53 -16.61 -14.37 8.13
C LEU A 53 -16.69 -14.47 6.61
N GLU A 54 -16.64 -15.70 6.09
CA GLU A 54 -16.74 -15.95 4.66
C GLU A 54 -18.05 -15.47 4.04
N GLU A 55 -19.16 -15.63 4.75
CA GLU A 55 -20.44 -15.13 4.25
C GLU A 55 -20.42 -13.61 4.13
N ILE A 56 -19.83 -12.94 5.12
CA ILE A 56 -19.68 -11.50 5.05
C ILE A 56 -18.85 -11.10 3.83
N ILE A 57 -17.68 -11.72 3.66
CA ILE A 57 -16.78 -11.34 2.57
C ILE A 57 -17.51 -11.41 1.22
N LYS A 58 -18.31 -12.44 1.09
CA LYS A 58 -19.01 -12.72 -0.16
C LYS A 58 -20.26 -11.87 -0.41
N THR A 59 -20.74 -11.15 0.59
CA THR A 59 -21.96 -10.35 0.43
C THR A 59 -21.84 -8.88 0.80
N SER A 60 -20.62 -8.40 1.05
CA SER A 60 -20.43 -7.03 1.47
C SER A 60 -19.59 -6.24 0.46
N THR A 61 -19.57 -4.92 0.66
CA THR A 61 -18.75 -3.98 -0.07
C THR A 61 -18.20 -2.96 0.94
N GLY A 62 -17.44 -1.96 0.49
CA GLY A 62 -16.99 -0.89 1.37
C GLY A 62 -16.19 -1.38 2.57
N GLY A 63 -16.28 -0.64 3.68
CA GLY A 63 -15.53 -0.91 4.91
C GLY A 63 -15.70 -2.26 5.55
N VAL A 64 -16.93 -2.78 5.52
CA VAL A 64 -17.20 -4.12 6.00
C VAL A 64 -16.37 -5.10 5.17
N PHE A 65 -16.39 -4.96 3.85
CA PHE A 65 -15.69 -5.92 2.98
C PHE A 65 -14.19 -5.88 3.28
N ASN A 66 -13.67 -4.65 3.36
CA ASN A 66 -12.25 -4.41 3.50
C ASN A 66 -11.70 -5.08 4.74
N ASN A 67 -12.35 -4.83 5.89
CA ASN A 67 -11.92 -5.42 7.16
C ASN A 67 -12.09 -6.95 7.17
N ALA A 68 -13.26 -7.43 6.75
CA ALA A 68 -13.56 -8.84 6.78
C ALA A 68 -12.63 -9.62 5.86
N ALA A 69 -12.40 -9.08 4.65
CA ALA A 69 -11.53 -9.75 3.68
C ALA A 69 -10.09 -9.78 4.17
N GLN A 70 -9.63 -8.70 4.75
CA GLN A 70 -8.25 -8.68 5.28
C GLN A 70 -8.04 -9.62 6.47
N ILE A 71 -9.08 -9.84 7.26
CA ILE A 71 -8.95 -10.84 8.35
C ILE A 71 -8.69 -12.20 7.75
N TRP A 72 -9.50 -12.58 6.78
CA TRP A 72 -9.36 -13.88 6.11
C TRP A 72 -8.02 -14.01 5.38
N ASN A 73 -7.65 -12.94 4.67
CA ASN A 73 -6.42 -12.94 3.89
C ASN A 73 -5.24 -13.19 4.78
N HIS A 74 -5.20 -12.51 5.93
CA HIS A 74 -4.07 -12.68 6.85
C HIS A 74 -3.95 -14.07 7.51
N THR A 75 -5.07 -14.63 7.97
CA THR A 75 -5.06 -15.94 8.61
C THR A 75 -4.57 -16.97 7.61
N PHE A 76 -5.04 -16.83 6.36
CA PHE A 76 -4.61 -17.71 5.27
C PHE A 76 -3.12 -17.56 5.02
N TYR A 77 -2.65 -16.32 4.94
CA TYR A 77 -1.21 -16.02 4.84
C TYR A 77 -0.37 -16.71 5.91
N TRP A 78 -0.72 -16.52 7.19
CA TRP A 78 0.04 -17.11 8.30
C TRP A 78 0.17 -18.64 8.15
N ASN A 79 -0.90 -19.27 7.70
CA ASN A 79 -0.93 -20.70 7.47
C ASN A 79 -0.06 -21.09 6.27
N CYS A 80 0.30 -20.11 5.42
CA CYS A 80 1.21 -20.40 4.30
C CYS A 80 2.66 -20.38 4.73
N LEU A 81 2.94 -19.91 5.95
CA LEU A 81 4.31 -19.85 6.47
C LEU A 81 4.56 -20.87 7.58
N ALA A 82 5.78 -21.39 7.67
CA ALA A 82 6.10 -22.44 8.65
C ALA A 82 7.61 -22.57 8.90
N PRO A 83 7.99 -22.90 10.16
CA PRO A 83 9.38 -23.21 10.45
C PRO A 83 9.68 -24.57 9.85
N ASN A 84 10.95 -24.86 9.58
CA ASN A 84 11.28 -26.18 9.02
C ASN A 84 10.42 -26.56 7.81
N ALA A 85 10.23 -25.61 6.91
CA ALA A 85 9.41 -25.83 5.71
C ALA A 85 10.18 -25.27 4.50
N GLY A 86 9.47 -24.63 3.55
CA GLY A 86 10.15 -24.00 2.42
C GLY A 86 10.69 -25.04 1.46
N GLY A 87 11.67 -24.65 0.65
CA GLY A 87 12.25 -25.55 -0.36
C GLY A 87 11.22 -26.02 -1.37
N GLN A 88 11.42 -27.22 -1.90
CA GLN A 88 10.61 -27.67 -3.02
C GLN A 88 9.40 -28.45 -2.52
N PRO A 89 8.25 -28.29 -3.18
CA PRO A 89 7.09 -29.10 -2.85
C PRO A 89 7.32 -30.56 -3.24
N THR A 90 6.66 -31.45 -2.53
CA THR A 90 6.59 -32.87 -2.94
C THR A 90 5.11 -33.23 -3.10
N GLY A 91 4.84 -34.48 -3.46
CA GLY A 91 3.49 -35.00 -3.45
C GLY A 91 2.59 -34.45 -4.53
N ALA A 92 1.31 -34.28 -4.19
CA ALA A 92 0.30 -33.93 -5.18
C ALA A 92 0.52 -32.49 -5.67
N VAL A 93 1.09 -31.66 -4.81
CA VAL A 93 1.34 -30.26 -5.16
C VAL A 93 2.48 -30.13 -6.16
N ALA A 94 3.60 -30.80 -5.91
CA ALA A 94 4.69 -30.86 -6.89
C ALA A 94 4.21 -31.23 -8.31
N ALA A 95 3.37 -32.26 -8.43
CA ALA A 95 2.90 -32.71 -9.74
C ALA A 95 1.93 -31.73 -10.40
N ALA A 96 1.11 -31.08 -9.59
CA ALA A 96 0.19 -30.05 -10.07
C ALA A 96 1.00 -28.90 -10.63
N ILE A 97 2.06 -28.54 -9.93
CA ILE A 97 2.88 -27.40 -10.35
C ILE A 97 3.67 -27.67 -11.63
N ASP A 98 4.21 -28.88 -11.75
CA ASP A 98 4.85 -29.31 -13.00
C ASP A 98 3.86 -29.34 -14.16
N ALA A 99 2.66 -29.88 -13.94
CA ALA A 99 1.64 -29.92 -14.99
C ALA A 99 1.31 -28.50 -15.47
N ALA A 100 1.16 -27.57 -14.53
CA ALA A 100 0.70 -26.23 -14.86
C ALA A 100 1.79 -25.28 -15.36
N PHE A 101 3.00 -25.41 -14.83
CA PHE A 101 4.02 -24.42 -15.10
C PHE A 101 5.29 -25.02 -15.68
N GLY A 102 5.35 -26.35 -15.76
CA GLY A 102 6.51 -27.05 -16.32
C GLY A 102 7.46 -27.60 -15.27
N SER A 103 7.87 -26.73 -14.34
CA SER A 103 8.68 -27.16 -13.21
C SER A 103 8.45 -26.24 -12.02
N PHE A 104 8.90 -26.67 -10.84
CA PHE A 104 8.84 -25.79 -9.68
C PHE A 104 9.63 -24.52 -9.97
N GLU A 105 10.85 -24.66 -10.51
CA GLU A 105 11.71 -23.50 -10.78
C GLU A 105 11.01 -22.46 -11.65
N GLU A 106 10.28 -22.94 -12.66
CA GLU A 106 9.52 -22.06 -13.57
C GLU A 106 8.33 -21.41 -12.91
N PHE A 107 7.58 -22.19 -12.12
CA PHE A 107 6.51 -21.65 -11.31
C PHE A 107 7.08 -20.58 -10.35
N LYS A 108 8.20 -20.89 -9.71
CA LYS A 108 8.82 -19.96 -8.76
C LYS A 108 9.19 -18.58 -9.37
N ALA A 109 9.77 -18.60 -10.58
CA ALA A 109 10.17 -17.37 -11.28
C ALA A 109 8.94 -16.57 -11.63
N LYS A 110 7.91 -17.25 -12.11
CA LYS A 110 6.65 -16.60 -12.49
C LYS A 110 5.91 -15.97 -11.32
N PHE A 111 5.71 -16.74 -10.25
CA PHE A 111 5.09 -16.23 -9.02
C PHE A 111 5.87 -15.01 -8.49
N THR A 112 7.19 -15.16 -8.40
CA THR A 112 8.04 -14.09 -7.97
C THR A 112 7.95 -12.85 -8.82
N ASP A 113 7.91 -12.99 -10.13
CA ASP A 113 7.80 -11.80 -11.00
C ASP A 113 6.45 -11.13 -10.79
N SER A 114 5.41 -11.96 -10.68
CA SER A 114 4.07 -11.42 -10.51
C SER A 114 3.96 -10.63 -9.17
N ALA A 115 4.68 -11.06 -8.14
CA ALA A 115 4.63 -10.43 -6.84
C ALA A 115 5.44 -9.12 -6.79
N ILE A 116 6.66 -9.16 -7.31
CA ILE A 116 7.55 -8.01 -7.25
C ILE A 116 6.87 -6.85 -7.97
N ASN A 117 6.13 -7.18 -9.02
CA ASN A 117 5.50 -6.17 -9.88
C ASN A 117 4.07 -5.86 -9.55
N ASN A 118 3.54 -6.39 -8.45
CA ASN A 118 2.14 -6.14 -8.03
C ASN A 118 2.07 -4.74 -7.39
N PHE A 119 1.45 -3.80 -8.09
CA PHE A 119 1.56 -2.39 -7.73
C PHE A 119 0.70 -1.94 -6.54
N GLY A 120 1.34 -1.32 -5.54
CA GLY A 120 0.64 -0.85 -4.36
C GLY A 120 0.42 -1.92 -3.31
N SER A 121 -0.50 -1.68 -2.39
CA SER A 121 -0.91 -2.69 -1.42
C SER A 121 -1.62 -3.85 -2.14
N SER A 122 -1.09 -5.06 -1.98
CA SER A 122 -1.59 -6.16 -2.82
C SER A 122 -1.25 -7.58 -2.32
N TRP A 123 -1.75 -8.57 -3.04
CA TRP A 123 -1.60 -9.97 -2.68
C TRP A 123 -1.35 -10.73 -3.97
N THR A 124 -0.37 -11.63 -3.98
CA THR A 124 -0.20 -12.56 -5.13
C THR A 124 -0.58 -13.96 -4.68
N TRP A 125 -1.40 -14.64 -5.50
CA TRP A 125 -1.99 -15.95 -5.19
C TRP A 125 -1.65 -17.04 -6.21
N LEU A 126 -1.50 -18.26 -5.72
CA LEU A 126 -1.62 -19.44 -6.55
C LEU A 126 -3.00 -19.97 -6.23
N VAL A 127 -3.84 -20.13 -7.25
CA VAL A 127 -5.22 -20.59 -7.09
C VAL A 127 -5.50 -21.85 -7.91
N LYS A 128 -6.53 -22.59 -7.50
CA LYS A 128 -7.03 -23.69 -8.30
C LYS A 128 -8.35 -23.24 -8.92
N ASN A 129 -8.43 -23.26 -10.24
CA ASN A 129 -9.64 -22.81 -10.92
C ASN A 129 -10.76 -23.84 -10.84
N ALA A 130 -11.99 -23.39 -11.11
CA ALA A 130 -13.14 -24.29 -11.18
C ALA A 130 -12.79 -25.56 -11.95
N ASP A 131 -12.20 -25.41 -13.13
CA ASP A 131 -11.89 -26.56 -13.99
C ASP A 131 -10.75 -27.46 -13.48
N GLY A 132 -9.96 -26.97 -12.51
CA GLY A 132 -8.90 -27.78 -11.93
C GLY A 132 -7.48 -27.33 -12.27
N SER A 133 -7.36 -26.42 -13.23
CA SER A 133 -6.06 -25.88 -13.64
C SER A 133 -5.53 -24.87 -12.62
N LEU A 134 -4.21 -24.80 -12.49
CA LEU A 134 -3.60 -23.84 -11.60
C LEU A 134 -3.41 -22.48 -12.28
N ALA A 135 -3.36 -21.41 -11.49
CA ALA A 135 -3.14 -20.06 -12.02
C ALA A 135 -2.48 -19.17 -10.96
N ILE A 136 -1.70 -18.19 -11.42
CA ILE A 136 -1.18 -17.16 -10.53
C ILE A 136 -2.03 -15.91 -10.76
N VAL A 137 -2.64 -15.38 -9.68
CA VAL A 137 -3.41 -14.13 -9.79
C VAL A 137 -3.01 -13.12 -8.76
N ASN A 138 -2.99 -11.84 -9.17
CA ASN A 138 -2.73 -10.72 -8.27
C ASN A 138 -4.03 -10.06 -7.89
N THR A 139 -4.17 -9.64 -6.63
CA THR A 139 -5.31 -8.80 -6.24
C THR A 139 -4.84 -7.55 -5.57
N SER A 140 -5.68 -6.54 -5.60
CA SER A 140 -5.27 -5.27 -5.03
C SER A 140 -5.95 -5.02 -3.67
N ASN A 141 -5.20 -4.48 -2.73
CA ASN A 141 -5.74 -4.07 -1.43
C ASN A 141 -6.29 -5.22 -0.59
N ALA A 142 -7.62 -5.31 -0.46
CA ALA A 142 -8.27 -6.39 0.29
C ALA A 142 -8.92 -7.45 -0.60
N ALA A 143 -9.00 -7.19 -1.91
CA ALA A 143 -9.59 -8.13 -2.83
C ALA A 143 -8.91 -9.48 -2.70
N THR A 144 -9.68 -10.53 -3.00
CA THR A 144 -9.29 -11.91 -2.72
C THR A 144 -10.04 -12.86 -3.67
N PRO A 145 -9.37 -13.91 -4.18
CA PRO A 145 -10.05 -14.88 -5.06
C PRO A 145 -11.07 -15.76 -4.32
N LEU A 146 -11.30 -15.48 -3.05
CA LEU A 146 -12.34 -16.18 -2.32
C LEU A 146 -13.72 -15.78 -2.85
N THR A 147 -13.84 -14.56 -3.37
CA THR A 147 -15.10 -14.05 -3.92
C THR A 147 -15.34 -14.44 -5.39
N ASP A 148 -14.38 -15.13 -6.02
CA ASP A 148 -14.58 -15.63 -7.38
C ASP A 148 -15.14 -17.02 -7.25
N GLU A 149 -16.34 -17.25 -7.80
CA GLU A 149 -17.02 -18.55 -7.61
C GLU A 149 -16.26 -19.67 -8.35
N GLY A 150 -16.04 -20.77 -7.65
CA GLY A 150 -15.30 -21.89 -8.21
C GLY A 150 -13.80 -21.92 -7.93
N VAL A 151 -13.23 -20.76 -7.61
CA VAL A 151 -11.77 -20.63 -7.48
C VAL A 151 -11.37 -20.90 -6.03
N THR A 152 -10.30 -21.68 -5.86
CA THR A 152 -9.82 -22.08 -4.54
C THR A 152 -8.40 -21.52 -4.31
N PRO A 153 -8.25 -20.55 -3.39
CA PRO A 153 -6.90 -20.11 -3.00
C PRO A 153 -6.05 -21.27 -2.46
N LEU A 154 -4.79 -21.36 -2.92
CA LEU A 154 -3.88 -22.37 -2.44
C LEU A 154 -2.70 -21.81 -1.68
N LEU A 155 -2.22 -20.61 -2.06
CA LEU A 155 -1.00 -20.01 -1.50
C LEU A 155 -1.09 -18.53 -1.75
N THR A 156 -0.58 -17.73 -0.83
CA THR A 156 -0.59 -16.30 -1.06
C THR A 156 0.65 -15.71 -0.43
N VAL A 157 1.10 -14.57 -0.96
CA VAL A 157 2.04 -13.70 -0.24
C VAL A 157 1.41 -12.31 -0.09
N ASP A 158 1.49 -11.76 1.13
CA ASP A 158 1.09 -10.38 1.47
C ASP A 158 2.18 -9.45 0.94
N LEU A 159 1.78 -8.49 0.12
CA LEU A 159 2.77 -7.56 -0.46
C LEU A 159 2.49 -6.13 -0.01
N TRP A 160 1.54 -5.96 0.90
CA TRP A 160 1.39 -4.69 1.57
C TRP A 160 2.77 -4.45 2.16
N GLU A 161 3.22 -3.19 2.19
CA GLU A 161 4.57 -2.87 2.68
C GLU A 161 4.80 -3.22 4.14
N HIS A 162 3.74 -3.14 4.96
CA HIS A 162 3.86 -3.57 6.34
C HIS A 162 4.31 -5.05 6.48
N ALA A 163 4.09 -5.87 5.45
CA ALA A 163 4.49 -7.30 5.54
C ALA A 163 6.01 -7.52 5.57
N TYR A 164 6.78 -6.57 5.03
CA TYR A 164 8.22 -6.76 4.86
C TYR A 164 9.04 -5.53 5.20
N TYR A 165 8.43 -4.37 5.43
CA TYR A 165 9.24 -3.17 5.58
C TYR A 165 10.24 -3.24 6.75
N ILE A 166 9.86 -3.90 7.84
CA ILE A 166 10.71 -3.87 9.04
C ILE A 166 12.01 -4.61 8.76
N ASP A 167 11.89 -5.76 8.10
CA ASP A 167 13.02 -6.66 7.89
C ASP A 167 13.74 -6.41 6.59
N PHE A 168 12.98 -6.00 5.54
CA PHE A 168 13.54 -5.83 4.20
C PHE A 168 13.45 -4.42 3.60
N ARG A 169 12.89 -3.48 4.37
CA ARG A 169 12.69 -2.12 3.86
C ARG A 169 12.09 -2.22 2.46
N ASN A 170 12.60 -1.45 1.49
CA ASN A 170 11.99 -1.41 0.13
C ASN A 170 12.21 -2.61 -0.81
N VAL A 171 12.96 -3.62 -0.37
CA VAL A 171 13.43 -4.68 -1.27
C VAL A 171 12.56 -5.92 -1.30
N ARG A 172 11.55 -5.92 -2.18
CA ARG A 172 10.70 -7.09 -2.29
C ARG A 172 11.44 -8.33 -2.69
N PRO A 173 12.45 -8.23 -3.59
CA PRO A 173 13.15 -9.49 -3.89
C PRO A 173 13.75 -10.22 -2.66
N ASP A 174 14.23 -9.47 -1.69
CA ASP A 174 14.77 -10.08 -0.46
C ASP A 174 13.66 -10.74 0.37
N TYR A 175 12.52 -10.06 0.49
CA TYR A 175 11.31 -10.61 1.11
C TYR A 175 10.81 -11.87 0.42
N MET A 176 10.77 -11.87 -0.90
CA MET A 176 10.41 -13.13 -1.60
C MET A 176 11.39 -14.26 -1.32
N GLY A 177 12.67 -13.95 -1.15
CA GLY A 177 13.66 -14.97 -0.78
C GLY A 177 13.28 -15.61 0.54
N ALA A 178 12.84 -14.77 1.48
CA ALA A 178 12.33 -15.22 2.78
C ALA A 178 11.05 -16.06 2.65
N PHE A 179 10.10 -15.55 1.86
CA PHE A 179 8.86 -16.26 1.60
C PHE A 179 9.16 -17.68 1.20
N TRP A 180 10.00 -17.85 0.16
CA TRP A 180 10.30 -19.21 -0.35
C TRP A 180 10.98 -20.12 0.70
N SER A 181 11.75 -19.56 1.61
CA SER A 181 12.33 -20.29 2.75
C SER A 181 11.27 -20.71 3.77
N LEU A 182 10.13 -20.03 3.77
CA LEU A 182 9.09 -20.29 4.76
C LEU A 182 7.86 -21.04 4.22
N VAL A 183 7.74 -21.23 2.92
CA VAL A 183 6.49 -21.84 2.38
C VAL A 183 6.10 -23.18 3.03
N ASN A 184 4.88 -23.19 3.56
CA ASN A 184 4.24 -24.37 4.19
C ASN A 184 3.50 -25.18 3.15
N TRP A 185 4.25 -26.06 2.50
CA TRP A 185 3.69 -26.91 1.44
C TRP A 185 2.59 -27.85 1.95
N SER A 186 2.64 -28.20 3.25
CA SER A 186 1.55 -28.96 3.91
C SER A 186 0.22 -28.29 3.74
N PHE A 187 0.19 -26.98 3.98
CA PHE A 187 -1.05 -26.21 3.92
C PHE A 187 -1.52 -26.13 2.46
N VAL A 188 -0.60 -25.80 1.56
CA VAL A 188 -0.93 -25.79 0.13
C VAL A 188 -1.50 -27.12 -0.34
N GLU A 189 -0.85 -28.22 0.07
CA GLU A 189 -1.36 -29.58 -0.18
C GLU A 189 -2.80 -29.79 0.35
N GLU A 190 -3.07 -29.39 1.60
CA GLU A 190 -4.42 -29.41 2.18
C GLU A 190 -5.44 -28.66 1.32
N ASN A 191 -5.05 -27.48 0.81
CA ASN A 191 -5.96 -26.66 0.01
C ASN A 191 -6.22 -27.27 -1.35
N LEU A 192 -5.22 -27.98 -1.89
CA LEU A 192 -5.34 -28.62 -3.21
C LEU A 192 -6.46 -29.66 -3.21
N ALA A 193 -6.62 -30.36 -2.09
CA ALA A 193 -7.63 -31.41 -1.92
C ALA A 193 -9.08 -30.86 -1.73
N LYS A 194 -9.22 -29.54 -1.64
CA LYS A 194 -10.54 -28.91 -1.44
C LYS A 194 -11.40 -28.81 -2.72
N SER B 2 15.52 11.72 -20.69
CA SER B 2 15.76 10.95 -19.45
C SER B 2 15.62 11.82 -18.16
N PHE B 3 14.73 11.40 -17.28
CA PHE B 3 14.50 12.09 -16.01
C PHE B 3 15.55 11.77 -14.97
N GLU B 4 15.73 12.71 -14.06
CA GLU B 4 16.64 12.55 -12.95
C GLU B 4 15.82 12.66 -11.69
N LEU B 5 16.38 12.11 -10.62
CA LEU B 5 15.87 12.24 -9.26
C LEU B 5 15.98 13.67 -8.78
N PRO B 6 14.84 14.33 -8.52
CA PRO B 6 14.85 15.70 -8.02
C PRO B 6 15.50 15.76 -6.63
N ALA B 7 16.32 16.76 -6.38
CA ALA B 7 17.06 16.87 -5.14
C ALA B 7 16.05 17.17 -4.03
N LEU B 8 16.29 16.69 -2.80
CA LEU B 8 15.35 17.04 -1.71
C LEU B 8 15.49 18.52 -1.43
N PRO B 9 14.37 19.22 -1.14
CA PRO B 9 14.48 20.66 -0.82
C PRO B 9 15.02 21.10 0.53
N PHE B 10 15.49 20.18 1.37
CA PHE B 10 15.93 20.51 2.73
C PHE B 10 16.99 19.45 3.08
N ALA B 11 17.77 19.63 4.15
CA ALA B 11 18.74 18.59 4.55
C ALA B 11 18.06 17.34 5.09
N LYS B 12 18.81 16.25 5.12
CA LYS B 12 18.27 14.97 5.57
C LYS B 12 17.73 14.94 7.00
N ASP B 13 18.28 15.79 7.87
CA ASP B 13 17.86 15.86 9.27
C ASP B 13 16.99 17.09 9.56
N ALA B 14 16.49 17.74 8.51
CA ALA B 14 15.73 18.97 8.70
C ALA B 14 14.35 18.73 9.33
N LEU B 15 13.82 17.52 9.21
CA LEU B 15 12.45 17.28 9.64
C LEU B 15 12.38 16.56 10.96
N GLU B 16 13.54 16.36 11.60
CA GLU B 16 13.66 15.70 12.89
C GLU B 16 13.05 16.56 13.99
N PRO B 17 12.47 15.93 15.03
CA PRO B 17 12.31 14.49 15.24
C PRO B 17 11.09 13.89 14.58
N HIS B 18 10.38 14.65 13.75
CA HIS B 18 9.08 14.24 13.17
C HIS B 18 9.15 13.20 12.07
N ILE B 19 10.03 13.44 11.11
CA ILE B 19 10.33 12.43 10.11
C ILE B 19 11.85 12.26 10.14
N SER B 20 12.33 11.04 10.27
CA SER B 20 13.77 10.83 10.45
C SER B 20 14.58 10.91 9.17
N ALA B 21 15.88 11.07 9.32
CA ALA B 21 16.79 11.04 8.20
C ALA B 21 16.74 9.68 7.54
N GLU B 22 16.53 8.65 8.35
CA GLU B 22 16.51 7.32 7.80
C GLU B 22 15.38 7.20 6.83
N THR B 23 14.23 7.75 7.22
CA THR B 23 13.01 7.66 6.38
C THR B 23 13.27 8.37 5.04
N LEU B 24 13.87 9.55 5.14
CA LEU B 24 14.25 10.31 3.96
C LEU B 24 15.26 9.57 3.06
N ASP B 25 16.19 8.87 3.68
CA ASP B 25 17.17 8.03 2.96
C ASP B 25 16.49 6.98 2.10
N TYR B 26 15.45 6.33 2.63
CA TYR B 26 14.70 5.34 1.88
C TYR B 26 13.65 5.91 0.98
N HIS B 27 12.83 6.83 1.50
CA HIS B 27 11.67 7.27 0.75
C HIS B 27 12.14 8.07 -0.49
N HIS B 28 13.08 8.99 -0.30
CA HIS B 28 13.65 9.80 -1.39
C HIS B 28 14.71 9.01 -2.12
N GLY B 29 15.72 8.54 -1.39
CA GLY B 29 16.88 7.88 -2.02
C GLY B 29 16.56 6.61 -2.78
N LYS B 30 15.55 5.88 -2.33
CA LYS B 30 15.25 4.60 -2.93
C LYS B 30 13.96 4.64 -3.68
N HIS B 31 12.85 4.92 -3.00
CA HIS B 31 11.53 4.80 -3.62
C HIS B 31 11.32 5.79 -4.74
N HIS B 32 11.48 7.09 -4.46
CA HIS B 32 11.35 8.13 -5.46
C HIS B 32 12.33 7.87 -6.61
N ASN B 33 13.59 7.53 -6.31
CA ASN B 33 14.54 7.23 -7.38
C ASN B 33 14.09 6.05 -8.21
N THR B 34 13.51 5.03 -7.57
CA THR B 34 13.12 3.83 -8.30
C THR B 34 12.05 4.13 -9.34
N TYR B 35 11.13 5.03 -8.99
CA TYR B 35 10.13 5.53 -9.98
C TYR B 35 10.80 6.16 -11.20
N VAL B 36 11.83 6.96 -10.97
CA VAL B 36 12.61 7.57 -12.07
C VAL B 36 13.20 6.49 -12.97
N VAL B 37 13.88 5.52 -12.34
CA VAL B 37 14.57 4.45 -13.04
C VAL B 37 13.58 3.66 -13.88
N LYS B 38 12.43 3.33 -13.30
CA LYS B 38 11.43 2.59 -14.05
C LYS B 38 10.82 3.40 -15.19
N LEU B 39 10.47 4.67 -14.96
CA LEU B 39 9.98 5.52 -16.07
C LEU B 39 10.95 5.54 -17.24
N ASN B 40 12.22 5.80 -16.95
CA ASN B 40 13.27 5.91 -17.96
C ASN B 40 13.41 4.64 -18.78
N GLY B 41 13.03 3.50 -18.21
CA GLY B 41 13.20 2.20 -18.84
C GLY B 41 12.03 1.95 -19.76
N LEU B 42 10.88 2.57 -19.46
CA LEU B 42 9.66 2.32 -20.21
C LEU B 42 9.54 3.23 -21.42
N ILE B 43 10.08 4.42 -21.34
CA ILE B 43 9.75 5.37 -22.40
C ILE B 43 10.51 5.30 -23.73
N PRO B 44 11.76 4.73 -23.76
CA PRO B 44 12.50 4.65 -25.06
C PRO B 44 11.67 4.06 -26.17
N GLY B 45 11.62 4.75 -27.31
CA GLY B 45 10.93 4.28 -28.49
C GLY B 45 9.42 4.27 -28.37
N THR B 46 8.88 5.08 -27.45
CA THR B 46 7.43 5.20 -27.34
C THR B 46 7.05 6.65 -27.64
N GLU B 47 5.76 6.91 -27.84
CA GLU B 47 5.29 8.31 -27.94
C GLU B 47 5.67 9.20 -26.76
N PHE B 48 6.11 8.60 -25.64
CA PHE B 48 6.38 9.38 -24.42
C PHE B 48 7.76 9.96 -24.39
N GLU B 49 8.61 9.45 -25.27
CA GLU B 49 9.98 9.93 -25.42
C GLU B 49 9.92 11.39 -25.83
N GLY B 50 10.65 12.23 -25.11
CA GLY B 50 10.69 13.67 -25.42
C GLY B 50 9.69 14.55 -24.67
N LYS B 51 8.62 13.95 -24.15
CA LYS B 51 7.52 14.64 -23.45
C LYS B 51 7.89 15.11 -22.04
N THR B 52 7.22 16.16 -21.55
CA THR B 52 7.46 16.60 -20.16
C THR B 52 6.79 15.59 -19.24
N LEU B 53 7.20 15.60 -17.99
CA LEU B 53 6.63 14.67 -17.01
C LEU B 53 5.11 14.85 -16.92
N GLU B 54 4.66 16.12 -16.85
CA GLU B 54 3.24 16.41 -16.73
C GLU B 54 2.43 15.96 -17.96
N GLU B 55 3.01 16.06 -19.15
CA GLU B 55 2.31 15.59 -20.38
C GLU B 55 2.17 14.07 -20.33
N ILE B 56 3.23 13.40 -19.90
CA ILE B 56 3.20 11.93 -19.80
C ILE B 56 2.08 11.50 -18.83
N ILE B 57 2.10 12.09 -17.64
CA ILE B 57 1.05 11.82 -16.63
C ILE B 57 -0.35 11.96 -17.23
N LYS B 58 -0.58 13.07 -17.95
CA LYS B 58 -1.88 13.40 -18.52
C LYS B 58 -2.26 12.52 -19.72
N THR B 59 -1.30 11.84 -20.33
CA THR B 59 -1.63 11.14 -21.58
C THR B 59 -1.37 9.62 -21.54
N SER B 60 -0.94 9.10 -20.38
CA SER B 60 -0.53 7.69 -20.29
C SER B 60 -1.44 6.84 -19.40
N THR B 61 -1.22 5.51 -19.45
CA THR B 61 -1.88 4.55 -18.54
C THR B 61 -0.87 3.46 -18.13
N GLY B 62 -1.31 2.53 -17.27
CA GLY B 62 -0.50 1.39 -16.89
C GLY B 62 0.78 1.80 -16.18
N GLY B 63 1.86 1.09 -16.53
CA GLY B 63 3.17 1.32 -15.91
C GLY B 63 3.81 2.66 -16.15
N VAL B 64 3.59 3.22 -17.33
CA VAL B 64 4.13 4.52 -17.67
C VAL B 64 3.47 5.51 -16.73
N PHE B 65 2.14 5.45 -16.62
CA PHE B 65 1.41 6.33 -15.71
C PHE B 65 1.88 6.16 -14.28
N ASN B 66 1.88 4.91 -13.82
CA ASN B 66 2.16 4.65 -12.41
C ASN B 66 3.45 5.29 -12.02
N ASN B 67 4.49 5.11 -12.82
CA ASN B 67 5.80 5.65 -12.46
C ASN B 67 5.92 7.14 -12.64
N ALA B 68 5.41 7.67 -13.74
CA ALA B 68 5.50 9.11 -13.98
C ALA B 68 4.73 9.84 -12.90
N ALA B 69 3.52 9.38 -12.61
CA ALA B 69 2.67 10.08 -11.63
C ALA B 69 3.31 10.07 -10.24
N GLN B 70 3.88 8.92 -9.85
CA GLN B 70 4.60 8.84 -8.58
C GLN B 70 5.78 9.74 -8.50
N ILE B 71 6.47 10.00 -9.63
CA ILE B 71 7.58 10.96 -9.59
C ILE B 71 7.09 12.34 -9.18
N TRP B 72 6.05 12.83 -9.88
CA TRP B 72 5.46 14.12 -9.62
C TRP B 72 4.91 14.19 -8.18
N ASN B 73 4.11 13.17 -7.82
CA ASN B 73 3.52 13.04 -6.45
C ASN B 73 4.60 13.20 -5.40
N HIS B 74 5.74 12.56 -5.54
CA HIS B 74 6.77 12.70 -4.52
C HIS B 74 7.43 14.04 -4.50
N THR B 75 7.74 14.57 -5.70
CA THR B 75 8.33 15.89 -5.77
C THR B 75 7.46 16.91 -5.04
N PHE B 76 6.17 16.85 -5.34
CA PHE B 76 5.19 17.75 -4.74
C PHE B 76 5.17 17.53 -3.22
N TYR B 77 5.09 16.26 -2.80
CA TYR B 77 5.11 15.90 -1.38
C TYR B 77 6.29 16.52 -0.64
N TRP B 78 7.51 16.42 -1.16
CA TRP B 78 8.67 17.02 -0.43
C TRP B 78 8.52 18.52 -0.31
N ASN B 79 8.07 19.15 -1.39
CA ASN B 79 7.78 20.60 -1.32
C ASN B 79 6.71 20.97 -0.28
N CYS B 80 5.90 19.98 0.14
CA CYS B 80 4.87 20.27 1.14
C CYS B 80 5.38 20.27 2.58
N LEU B 81 6.60 19.75 2.76
CA LEU B 81 7.27 19.66 4.04
C LEU B 81 8.40 20.69 4.16
N ALA B 82 8.67 21.11 5.40
CA ALA B 82 9.73 22.07 5.66
C ALA B 82 10.05 22.11 7.15
N PRO B 83 11.32 22.38 7.50
CA PRO B 83 11.74 22.76 8.86
C PRO B 83 11.15 24.12 9.22
N ASN B 84 10.97 24.38 10.50
CA ASN B 84 10.40 25.65 10.97
C ASN B 84 9.08 26.07 10.27
N ALA B 85 8.20 25.09 10.01
CA ALA B 85 6.95 25.43 9.39
C ALA B 85 5.78 24.86 10.20
N GLY B 86 4.79 24.26 9.55
CA GLY B 86 3.64 23.72 10.27
C GLY B 86 2.79 24.75 10.99
N GLY B 87 2.03 24.30 11.99
CA GLY B 87 1.17 25.22 12.71
C GLY B 87 0.03 25.72 11.83
N GLN B 88 -0.50 26.88 12.16
CA GLN B 88 -1.64 27.45 11.47
C GLN B 88 -1.15 28.22 10.24
N PRO B 89 -1.91 28.14 9.14
CA PRO B 89 -1.57 28.97 7.99
C PRO B 89 -1.90 30.46 8.30
N THR B 90 -1.31 31.39 7.55
CA THR B 90 -1.73 32.79 7.68
C THR B 90 -2.19 33.37 6.34
N GLY B 91 -2.50 34.66 6.35
CA GLY B 91 -2.76 35.40 5.11
C GLY B 91 -3.72 34.76 4.15
N ALA B 92 -3.28 34.66 2.89
CA ALA B 92 -4.15 34.19 1.79
C ALA B 92 -4.60 32.71 1.92
N VAL B 93 -3.70 31.83 2.34
CA VAL B 93 -4.09 30.41 2.50
C VAL B 93 -5.11 30.28 3.64
N ALA B 94 -4.83 30.95 4.76
CA ALA B 94 -5.74 30.96 5.89
C ALA B 94 -7.13 31.40 5.51
N ALA B 95 -7.22 32.52 4.78
CA ALA B 95 -8.53 33.05 4.40
C ALA B 95 -9.24 32.09 3.48
N ALA B 96 -8.51 31.49 2.55
CA ALA B 96 -9.10 30.55 1.62
C ALA B 96 -9.63 29.31 2.32
N ILE B 97 -8.88 28.83 3.29
CA ILE B 97 -9.31 27.66 4.09
C ILE B 97 -10.51 28.02 4.99
N ASP B 98 -10.52 29.20 5.59
CA ASP B 98 -11.66 29.65 6.41
C ASP B 98 -12.96 29.66 5.62
N ALA B 99 -12.88 30.17 4.39
CA ALA B 99 -14.05 30.29 3.54
C ALA B 99 -14.52 28.91 3.10
N ALA B 100 -13.61 28.03 2.74
CA ALA B 100 -14.07 26.75 2.18
C ALA B 100 -14.54 25.77 3.25
N PHE B 101 -13.93 25.86 4.44
CA PHE B 101 -14.07 24.87 5.51
C PHE B 101 -14.57 25.40 6.84
N GLY B 102 -14.55 26.71 7.04
CA GLY B 102 -15.07 27.26 8.28
C GLY B 102 -13.96 27.79 9.16
N SER B 103 -12.86 27.04 9.27
CA SER B 103 -11.74 27.45 10.10
C SER B 103 -10.59 26.53 9.74
N PHE B 104 -9.38 26.87 10.13
CA PHE B 104 -8.30 25.89 9.95
C PHE B 104 -8.56 24.57 10.72
N GLU B 105 -9.11 24.72 11.93
CA GLU B 105 -9.36 23.55 12.82
C GLU B 105 -10.30 22.57 12.14
N GLU B 106 -11.34 23.09 11.55
CA GLU B 106 -12.28 22.22 10.85
C GLU B 106 -11.67 21.53 9.61
N PHE B 107 -10.90 22.28 8.83
CA PHE B 107 -10.21 21.71 7.65
C PHE B 107 -9.24 20.64 8.13
N LYS B 108 -8.48 20.95 9.18
CA LYS B 108 -7.48 19.96 9.69
C LYS B 108 -8.12 18.63 10.10
N ALA B 109 -9.24 18.71 10.83
CA ALA B 109 -9.97 17.49 11.26
C ALA B 109 -10.47 16.72 10.06
N LYS B 110 -11.05 17.43 9.09
CA LYS B 110 -11.58 16.79 7.87
C LYS B 110 -10.46 16.08 7.04
N PHE B 111 -9.32 16.75 6.93
CA PHE B 111 -8.17 16.28 6.16
C PHE B 111 -7.54 15.09 6.89
N THR B 112 -7.36 15.19 8.22
CA THR B 112 -6.87 14.03 8.97
C THR B 112 -7.80 12.85 8.91
N ASP B 113 -9.12 13.08 9.05
CA ASP B 113 -10.05 11.96 8.94
C ASP B 113 -10.00 11.32 7.54
N SER B 114 -9.90 12.16 6.52
CA SER B 114 -9.85 11.62 5.14
C SER B 114 -8.60 10.79 4.91
N ALA B 115 -7.49 11.26 5.46
CA ALA B 115 -6.23 10.55 5.38
C ALA B 115 -6.19 9.21 6.14
N ILE B 116 -6.64 9.24 7.39
CA ILE B 116 -6.58 8.05 8.25
C ILE B 116 -7.31 6.89 7.59
N ASN B 117 -8.43 7.21 6.96
CA ASN B 117 -9.38 6.26 6.39
C ASN B 117 -9.27 6.02 4.87
N ASN B 118 -8.20 6.52 4.28
CA ASN B 118 -7.83 6.29 2.88
C ASN B 118 -7.18 4.93 2.75
N PHE B 119 -7.94 3.95 2.27
CA PHE B 119 -7.55 2.56 2.39
C PHE B 119 -6.42 2.14 1.44
N GLY B 120 -5.45 1.39 1.96
CA GLY B 120 -4.28 1.00 1.20
C GLY B 120 -3.32 2.14 0.87
N SER B 121 -2.54 1.92 -0.20
CA SER B 121 -1.50 2.87 -0.64
C SER B 121 -2.23 4.02 -1.29
N SER B 122 -2.00 5.27 -0.87
CA SER B 122 -2.93 6.30 -1.28
C SER B 122 -2.37 7.66 -0.98
N TRP B 123 -3.07 8.73 -1.40
CA TRP B 123 -2.63 10.11 -1.17
C TRP B 123 -3.84 10.91 -0.72
N THR B 124 -3.66 11.79 0.25
CA THR B 124 -4.76 12.76 0.58
C THR B 124 -4.43 14.19 0.19
N TRP B 125 -5.37 14.87 -0.49
CA TRP B 125 -5.04 16.19 -1.07
C TRP B 125 -6.01 17.28 -0.68
N LEU B 126 -5.44 18.49 -0.56
CA LEU B 126 -6.23 19.72 -0.67
C LEU B 126 -6.02 20.25 -2.11
N VAL B 127 -7.10 20.49 -2.85
CA VAL B 127 -7.02 20.95 -4.27
C VAL B 127 -7.88 22.19 -4.46
N LYS B 128 -7.57 22.95 -5.52
CA LYS B 128 -8.36 24.09 -5.94
C LYS B 128 -9.03 23.65 -7.23
N ASN B 129 -10.36 23.66 -7.23
CA ASN B 129 -11.14 23.30 -8.42
C ASN B 129 -11.10 24.40 -9.49
N ALA B 130 -11.54 24.04 -10.70
CA ALA B 130 -11.60 25.00 -11.82
C ALA B 130 -12.23 26.37 -11.47
N ASP B 131 -13.35 26.33 -10.76
CA ASP B 131 -14.10 27.53 -10.38
C ASP B 131 -13.53 28.30 -9.18
N GLY B 132 -12.36 27.89 -8.70
CA GLY B 132 -11.71 28.55 -7.58
C GLY B 132 -11.98 27.95 -6.19
N SER B 133 -12.95 27.01 -6.12
CA SER B 133 -13.28 26.43 -4.80
C SER B 133 -12.30 25.37 -4.38
N LEU B 134 -12.21 25.16 -3.06
CA LEU B 134 -11.27 24.22 -2.47
C LEU B 134 -11.99 22.92 -2.10
N ALA B 135 -11.27 21.81 -2.14
CA ALA B 135 -11.88 20.52 -1.80
C ALA B 135 -10.81 19.59 -1.28
N ILE B 136 -11.22 18.63 -0.46
CA ILE B 136 -10.37 17.53 -0.02
C ILE B 136 -10.71 16.32 -0.86
N VAL B 137 -9.68 15.62 -1.35
CA VAL B 137 -9.83 14.54 -2.34
C VAL B 137 -8.83 13.45 -1.97
N ASN B 138 -9.29 12.20 -2.04
CA ASN B 138 -8.42 11.06 -1.82
C ASN B 138 -8.12 10.37 -3.15
N THR B 139 -6.87 9.96 -3.36
CA THR B 139 -6.60 9.12 -4.53
C THR B 139 -5.83 7.89 -4.08
N SER B 140 -5.96 6.83 -4.85
CA SER B 140 -5.38 5.55 -4.53
C SER B 140 -4.18 5.20 -5.45
N ASN B 141 -3.11 4.70 -4.84
CA ASN B 141 -1.94 4.18 -5.55
C ASN B 141 -1.19 5.34 -6.18
N ALA B 142 -1.16 5.43 -7.51
CA ALA B 142 -0.42 6.52 -8.20
C ALA B 142 -1.31 7.66 -8.65
N ALA B 143 -2.64 7.47 -8.58
CA ALA B 143 -3.57 8.50 -9.08
C ALA B 143 -3.36 9.85 -8.41
N THR B 144 -3.71 10.90 -9.14
CA THR B 144 -3.35 12.25 -8.72
C THR B 144 -4.40 13.20 -9.33
N PRO B 145 -4.79 14.25 -8.58
CA PRO B 145 -5.71 15.29 -9.13
C PRO B 145 -5.09 16.06 -10.31
N LEU B 146 -3.79 15.91 -10.55
CA LEU B 146 -3.18 16.50 -11.73
C LEU B 146 -3.93 16.13 -13.02
N THR B 147 -4.46 14.92 -13.10
CA THR B 147 -5.16 14.48 -14.32
C THR B 147 -6.63 14.92 -14.44
N ASP B 148 -7.16 15.64 -13.45
CA ASP B 148 -8.50 16.24 -13.60
C ASP B 148 -8.30 17.63 -14.11
N GLU B 149 -8.95 17.97 -15.22
CA GLU B 149 -8.67 19.21 -15.91
C GLU B 149 -9.13 20.44 -15.09
N GLY B 150 -8.26 21.43 -14.96
CA GLY B 150 -8.60 22.63 -14.23
C GLY B 150 -8.39 22.56 -12.73
N VAL B 151 -8.01 21.39 -12.22
CA VAL B 151 -7.79 21.19 -10.80
C VAL B 151 -6.32 21.31 -10.50
N THR B 152 -6.01 22.14 -9.51
CA THR B 152 -4.64 22.38 -9.10
C THR B 152 -4.40 21.81 -7.70
N PRO B 153 -3.50 20.80 -7.56
CA PRO B 153 -3.16 20.40 -6.21
C PRO B 153 -2.52 21.48 -5.38
N LEU B 154 -2.92 21.58 -4.11
CA LEU B 154 -2.36 22.58 -3.22
C LEU B 154 -1.50 22.00 -2.11
N LEU B 155 -1.89 20.82 -1.66
CA LEU B 155 -1.22 20.19 -0.53
C LEU B 155 -1.49 18.71 -0.57
N THR B 156 -0.50 17.89 -0.23
CA THR B 156 -0.72 16.43 -0.16
C THR B 156 -0.04 15.80 1.02
N VAL B 157 -0.56 14.64 1.44
CA VAL B 157 0.19 13.73 2.33
C VAL B 157 0.25 12.36 1.70
N ASP B 158 1.45 11.78 1.65
CA ASP B 158 1.69 10.40 1.13
C ASP B 158 1.32 9.40 2.25
N LEU B 159 0.42 8.48 1.92
CA LEU B 159 -0.12 7.49 2.87
C LEU B 159 0.24 6.07 2.46
N TRP B 160 1.18 5.94 1.54
CA TRP B 160 1.83 4.65 1.34
C TRP B 160 2.55 4.28 2.63
N GLU B 161 2.59 3.00 3.01
CA GLU B 161 3.19 2.63 4.32
C GLU B 161 4.65 3.02 4.38
N HIS B 162 5.34 2.97 3.23
CA HIS B 162 6.79 3.33 3.20
C HIS B 162 7.03 4.73 3.73
N ALA B 163 6.01 5.55 3.65
CA ALA B 163 6.18 6.95 4.05
C ALA B 163 6.30 7.17 5.54
N TYR B 164 5.72 6.25 6.32
CA TYR B 164 5.68 6.41 7.77
C TYR B 164 6.12 5.17 8.58
N TYR B 165 6.37 4.02 7.93
CA TYR B 165 6.51 2.77 8.67
C TYR B 165 7.74 2.74 9.58
N ILE B 166 8.79 3.44 9.15
CA ILE B 166 10.03 3.43 9.91
C ILE B 166 9.85 4.21 11.21
N ASP B 167 9.12 5.30 11.17
CA ASP B 167 9.03 6.16 12.34
C ASP B 167 7.79 5.85 13.17
N PHE B 168 6.72 5.34 12.53
CA PHE B 168 5.43 5.32 13.19
C PHE B 168 4.78 3.98 13.13
N ARG B 169 5.41 3.04 12.44
CA ARG B 169 4.85 1.72 12.19
C ARG B 169 3.42 1.87 11.71
N ASN B 170 2.50 1.19 12.37
CA ASN B 170 1.13 1.06 11.91
C ASN B 170 0.26 2.26 12.26
N VAL B 171 0.78 3.24 12.99
CA VAL B 171 -0.11 4.26 13.51
C VAL B 171 -0.11 5.52 12.66
N ARG B 172 -1.06 5.60 11.73
CA ARG B 172 -1.20 6.81 10.89
C ARG B 172 -1.55 8.07 11.65
N PRO B 173 -2.42 7.99 12.68
CA PRO B 173 -2.67 9.22 13.42
C PRO B 173 -1.41 9.85 13.97
N ASP B 174 -0.43 9.04 14.34
CA ASP B 174 0.84 9.60 14.83
C ASP B 174 1.65 10.27 13.71
N TYR B 175 1.52 9.72 12.50
CA TYR B 175 2.22 10.27 11.35
C TYR B 175 1.55 11.57 10.99
N MET B 176 0.23 11.61 11.10
CA MET B 176 -0.47 12.84 10.78
C MET B 176 -0.06 13.96 11.70
N GLY B 177 0.26 13.63 12.96
CA GLY B 177 0.76 14.62 13.89
C GLY B 177 2.07 15.22 13.42
N ALA B 178 2.92 14.35 12.87
CA ALA B 178 4.20 14.78 12.27
C ALA B 178 4.00 15.64 11.03
N PHE B 179 3.11 15.21 10.12
CA PHE B 179 2.68 15.99 8.98
C PHE B 179 2.32 17.44 9.36
N TRP B 180 1.45 17.62 10.37
CA TRP B 180 0.92 18.97 10.62
C TRP B 180 1.97 19.89 11.19
N SER B 181 2.99 19.29 11.77
CA SER B 181 4.16 20.00 12.32
C SER B 181 5.13 20.45 11.23
N LEU B 182 4.95 19.92 10.03
CA LEU B 182 5.90 20.14 8.94
C LEU B 182 5.31 20.83 7.71
N VAL B 183 4.02 21.17 7.70
CA VAL B 183 3.40 21.62 6.46
C VAL B 183 4.03 22.94 6.02
N ASN B 184 4.47 22.99 4.77
CA ASN B 184 5.11 24.19 4.24
C ASN B 184 4.01 25.04 3.64
N TRP B 185 3.41 25.91 4.46
CA TRP B 185 2.32 26.81 3.97
C TRP B 185 2.78 27.79 2.87
N SER B 186 4.06 28.20 2.88
CA SER B 186 4.67 28.94 1.76
C SER B 186 4.43 28.28 0.43
N PHE B 187 4.61 26.97 0.36
CA PHE B 187 4.40 26.25 -0.88
C PHE B 187 2.92 26.13 -1.21
N VAL B 188 2.09 25.98 -0.18
CA VAL B 188 0.64 25.92 -0.39
C VAL B 188 0.19 27.26 -0.98
N GLU B 189 0.74 28.34 -0.47
CA GLU B 189 0.33 29.66 -0.99
C GLU B 189 0.73 29.86 -2.45
N GLU B 190 1.97 29.55 -2.79
CA GLU B 190 2.38 29.52 -4.20
C GLU B 190 1.39 28.71 -5.03
N ASN B 191 0.98 27.54 -4.55
CA ASN B 191 0.04 26.71 -5.35
C ASN B 191 -1.32 27.34 -5.57
N LEU B 192 -1.74 28.22 -4.65
CA LEU B 192 -3.05 28.83 -4.72
C LEU B 192 -3.12 29.81 -5.90
N ALA B 193 -1.96 30.27 -6.37
CA ALA B 193 -1.83 31.16 -7.58
C ALA B 193 -1.54 30.44 -8.90
N LYS B 194 -1.06 29.21 -8.84
CA LYS B 194 -1.05 28.33 -10.00
C LYS B 194 -2.48 27.88 -10.20
#